data_7LT0
#
_entry.id   7LT0
#
_cell.length_a   66.614
_cell.length_b   90.119
_cell.length_c   97.967
_cell.angle_alpha   90.000
_cell.angle_beta   90.000
_cell.angle_gamma   90.000
#
_symmetry.space_group_name_H-M   'I 2 2 2'
#
loop_
_entity.id
_entity.type
_entity.pdbx_description
1 polymer 'Heat shock protein HSP 90-alpha'
2 non-polymer (1,3-dihydro-2H-isoindol-2-yl){3-[(3,4-dimethylphenyl)sulfanyl]-4-hydroxyphenyl}methanone
3 water water
#
_entity_poly.entity_id   1
_entity_poly.type   'polypeptide(L)'
_entity_poly.pdbx_seq_one_letter_code
;MPEETQTQDQPMEEEEVETFAFQAEIAQLMSLIINTFYSNKEIFLRELISNSSDALDKIRYESLTDPSKLDSGKELHINL
IPNKQDRTLTIVDTGIGMTKADLINNLGTIAKSGTKAFMEALQAGADISMIGQFGVGFYSAYLVAEKVTVITKHNDDEQY
AWESSAGGSFTVRTDTGEPMGRGTKVILHLKEDQTEYLEERRIKEIVKKHSQFIGYPITLFVEKERDKEVSDDEAEEKED
KEEEKEKEEKESEDKPEIEDVGSDEEEEKKDGDKKKKKKIKEKYIDQEELNKT
;
_entity_poly.pdbx_strand_id   A
#
loop_
_chem_comp.id
_chem_comp.type
_chem_comp.name
_chem_comp.formula
ONJ non-polymer (1,3-dihydro-2H-isoindol-2-yl){3-[(3,4-dimethylphenyl)sulfanyl]-4-hydroxyphenyl}methanone 'C23 H21 N O2 S'
#
# COMPACT_ATOMS: atom_id res chain seq x y z
N GLU A 16 -20.32 3.42 -10.93
CA GLU A 16 -19.94 4.80 -11.19
C GLU A 16 -18.57 5.11 -10.62
N VAL A 17 -17.71 5.68 -11.46
CA VAL A 17 -16.32 5.93 -11.13
C VAL A 17 -16.13 7.43 -10.93
N GLU A 18 -15.53 7.80 -9.80
CA GLU A 18 -15.14 9.17 -9.54
C GLU A 18 -13.63 9.33 -9.76
N THR A 19 -13.24 10.42 -10.42
CA THR A 19 -11.84 10.69 -10.70
C THR A 19 -11.41 11.93 -9.92
N PHE A 20 -10.27 11.83 -9.24
CA PHE A 20 -9.76 12.89 -8.38
C PHE A 20 -8.36 13.28 -8.83
N ALA A 21 -7.99 14.54 -8.57
CA ALA A 21 -6.62 14.98 -8.78
C ALA A 21 -5.81 14.79 -7.51
N PHE A 22 -4.61 14.22 -7.65
CA PHE A 22 -3.67 14.26 -6.53
C PHE A 22 -3.36 15.72 -6.18
N GLN A 23 -3.11 15.96 -4.91
CA GLN A 23 -2.60 17.28 -4.57
C GLN A 23 -1.22 17.46 -5.18
N ALA A 24 -0.90 18.71 -5.53
CA ALA A 24 0.28 18.99 -6.34
C ALA A 24 1.54 18.37 -5.74
N GLU A 25 1.68 18.44 -4.40
CA GLU A 25 2.88 17.94 -3.75
C GLU A 25 2.98 16.42 -3.89
N ILE A 26 1.84 15.73 -3.87
CA ILE A 26 1.87 14.27 -3.98
C ILE A 26 2.13 13.86 -5.42
N ALA A 27 1.55 14.59 -6.38
CA ALA A 27 1.89 14.34 -7.78
C ALA A 27 3.38 14.55 -8.02
N GLN A 28 3.96 15.58 -7.42
CA GLN A 28 5.39 15.81 -7.59
C GLN A 28 6.19 14.67 -6.99
N LEU A 29 5.75 14.16 -5.84
CA LEU A 29 6.43 13.03 -5.22
C LEU A 29 6.35 11.80 -6.11
N MET A 30 5.17 11.52 -6.66
CA MET A 30 5.05 10.34 -7.52
C MET A 30 5.91 10.48 -8.76
N SER A 31 6.00 11.70 -9.32
CA SER A 31 6.87 11.89 -10.48
C SER A 31 8.32 11.64 -10.11
N LEU A 32 8.74 12.10 -8.92
CA LEU A 32 10.11 11.86 -8.49
C LEU A 32 10.38 10.37 -8.35
N ILE A 33 9.42 9.63 -7.80
CA ILE A 33 9.62 8.20 -7.62
C ILE A 33 9.71 7.50 -8.97
N ILE A 34 8.93 7.96 -9.94
CA ILE A 34 8.90 7.31 -11.24
C ILE A 34 10.13 7.68 -12.07
N ASN A 35 10.62 8.91 -11.95
CA ASN A 35 11.64 9.41 -12.88
C ASN A 35 13.07 9.33 -12.36
N THR A 36 13.29 9.30 -11.05
CA THR A 36 14.64 9.33 -10.51
C THR A 36 15.31 7.98 -10.69
N PHE A 37 16.59 8.00 -11.08
CA PHE A 37 17.35 6.77 -11.14
C PHE A 37 17.66 6.29 -9.72
N TYR A 38 17.21 5.09 -9.40
CA TYR A 38 17.35 4.55 -8.04
C TYR A 38 17.19 3.03 -8.12
N SER A 39 18.28 2.29 -7.90
CA SER A 39 18.26 0.85 -8.18
C SER A 39 17.65 0.02 -7.07
N ASN A 40 17.60 0.54 -5.84
CA ASN A 40 17.17 -0.22 -4.66
C ASN A 40 15.63 -0.20 -4.57
N LYS A 41 14.99 -0.74 -5.61
CA LYS A 41 13.54 -0.67 -5.71
C LYS A 41 12.83 -1.59 -4.73
N GLU A 42 13.53 -2.61 -4.20
CA GLU A 42 12.87 -3.63 -3.38
C GLU A 42 12.27 -3.06 -2.10
N ILE A 43 12.61 -1.84 -1.71
CA ILE A 43 12.08 -1.27 -0.49
C ILE A 43 10.56 -1.08 -0.53
N PHE A 44 9.95 -1.11 -1.72
CA PHE A 44 8.50 -0.96 -1.78
C PHE A 44 7.81 -1.98 -0.88
N LEU A 45 8.32 -3.22 -0.86
CA LEU A 45 7.62 -4.28 -0.14
C LEU A 45 7.63 -4.03 1.37
N ARG A 46 8.79 -3.61 1.91
CA ARG A 46 8.84 -3.27 3.32
C ARG A 46 7.84 -2.18 3.66
N GLU A 47 7.66 -1.21 2.76
CA GLU A 47 6.79 -0.08 3.11
C GLU A 47 5.34 -0.50 3.14
N LEU A 48 4.93 -1.35 2.20
CA LEU A 48 3.53 -1.82 2.18
C LEU A 48 3.26 -2.77 3.34
N ILE A 49 4.20 -3.66 3.67
CA ILE A 49 4.01 -4.55 4.81
C ILE A 49 3.95 -3.75 6.10
N SER A 50 4.75 -2.69 6.19
CA SER A 50 4.68 -1.81 7.35
C SER A 50 3.30 -1.15 7.47
N ASN A 51 2.74 -0.69 6.34
CA ASN A 51 1.40 -0.13 6.38
C ASN A 51 0.38 -1.18 6.82
N SER A 52 0.50 -2.42 6.32
CA SER A 52 -0.39 -3.48 6.74
C SER A 52 -0.29 -3.72 8.25
N SER A 53 0.94 -3.79 8.76
CA SER A 53 1.15 -4.02 10.17
C SER A 53 0.52 -2.92 11.00
N ASP A 54 0.66 -1.66 10.57
CA ASP A 54 0.06 -0.55 11.31
C ASP A 54 -1.46 -0.64 11.31
N ALA A 55 -2.05 -1.03 10.16
CA ALA A 55 -3.50 -1.20 10.07
C ALA A 55 -3.99 -2.35 10.96
N LEU A 56 -3.21 -3.44 11.02
CA LEU A 56 -3.55 -4.55 11.90
C LEU A 56 -3.43 -4.14 13.36
N ASP A 57 -2.36 -3.42 13.71
CA ASP A 57 -2.23 -2.89 15.07
C ASP A 57 -3.47 -2.12 15.48
N LYS A 58 -4.01 -1.31 14.55
CA LYS A 58 -5.08 -0.40 14.95
C LYS A 58 -6.40 -1.13 15.17
N ILE A 59 -6.75 -2.10 14.30
CA ILE A 59 -7.99 -2.83 14.56
C ILE A 59 -7.87 -3.66 15.84
N ARG A 60 -6.70 -4.26 16.07
CA ARG A 60 -6.50 -5.02 17.31
C ARG A 60 -6.68 -4.12 18.52
N TYR A 61 -6.06 -2.95 18.50
CA TYR A 61 -6.19 -1.99 19.60
C TYR A 61 -7.65 -1.56 19.80
N GLU A 62 -8.34 -1.22 18.72
CA GLU A 62 -9.71 -0.74 18.89
C GLU A 62 -10.65 -1.86 19.33
N SER A 63 -10.36 -3.10 18.94
CA SER A 63 -11.20 -4.21 19.37
C SER A 63 -11.12 -4.47 20.87
N LEU A 64 -10.14 -3.88 21.56
CA LEU A 64 -10.04 -4.08 23.00
C LEU A 64 -11.12 -3.32 23.75
N THR A 65 -11.58 -2.18 23.21
CA THR A 65 -12.68 -1.44 23.82
C THR A 65 -14.01 -1.69 23.12
N ASP A 66 -14.00 -2.28 21.93
CA ASP A 66 -15.24 -2.63 21.22
C ASP A 66 -14.98 -3.92 20.46
N PRO A 67 -15.22 -5.07 21.10
CA PRO A 67 -14.92 -6.35 20.44
C PRO A 67 -15.74 -6.59 19.18
N SER A 68 -16.90 -5.95 19.03
CA SER A 68 -17.70 -6.17 17.83
C SER A 68 -16.97 -5.71 16.57
N LYS A 69 -15.90 -4.94 16.70
CA LYS A 69 -15.14 -4.54 15.53
C LYS A 69 -14.45 -5.71 14.85
N LEU A 70 -14.35 -6.86 15.51
CA LEU A 70 -13.82 -8.07 14.89
C LEU A 70 -14.92 -8.97 14.33
N ASP A 71 -16.18 -8.53 14.35
CA ASP A 71 -17.25 -9.32 13.74
C ASP A 71 -17.01 -9.53 12.26
N SER A 72 -16.33 -8.58 11.62
CA SER A 72 -15.92 -8.66 10.22
C SER A 72 -14.69 -9.54 10.02
N GLY A 73 -14.21 -10.21 11.06
CA GLY A 73 -13.11 -11.14 10.93
C GLY A 73 -12.11 -11.07 12.06
N LYS A 74 -11.88 -12.20 12.74
CA LYS A 74 -10.97 -12.20 13.87
C LYS A 74 -9.52 -12.44 13.50
N GLU A 75 -9.23 -13.00 12.33
CA GLU A 75 -7.85 -13.36 12.02
C GLU A 75 -7.07 -12.13 11.55
N LEU A 76 -5.86 -11.96 12.07
CA LEU A 76 -5.02 -10.80 11.76
C LEU A 76 -3.74 -11.29 11.09
N HIS A 77 -3.63 -11.06 9.79
CA HIS A 77 -2.54 -11.66 9.02
C HIS A 77 -2.26 -10.82 7.79
N ILE A 78 -1.13 -11.14 7.14
CA ILE A 78 -0.70 -10.53 5.89
C ILE A 78 -0.39 -11.63 4.89
N ASN A 79 -0.96 -11.54 3.67
CA ASN A 79 -0.71 -12.51 2.61
C ASN A 79 -0.04 -11.82 1.43
N LEU A 80 0.99 -12.47 0.88
CA LEU A 80 1.68 -12.00 -0.33
C LEU A 80 1.37 -12.97 -1.46
N ILE A 81 0.74 -12.48 -2.52
CA ILE A 81 0.22 -13.36 -3.55
C ILE A 81 0.74 -12.94 -4.92
N PRO A 82 1.72 -13.65 -5.48
CA PRO A 82 2.18 -13.35 -6.83
C PRO A 82 1.31 -14.04 -7.87
N ASN A 83 1.16 -13.39 -9.03
CA ASN A 83 0.42 -14.00 -10.13
C ASN A 83 1.17 -13.65 -11.42
N LYS A 84 1.95 -14.62 -11.91
CA LYS A 84 2.81 -14.34 -13.07
C LYS A 84 1.99 -14.07 -14.32
N GLN A 85 0.87 -14.78 -14.50
CA GLN A 85 0.04 -14.58 -15.70
C GLN A 85 -0.54 -13.17 -15.76
N ASP A 86 -0.97 -12.65 -14.61
CA ASP A 86 -1.50 -11.29 -14.56
C ASP A 86 -0.42 -10.23 -14.34
N ARG A 87 0.81 -10.67 -14.07
CA ARG A 87 1.91 -9.79 -13.70
C ARG A 87 1.54 -8.89 -12.51
N THR A 88 0.96 -9.48 -11.48
CA THR A 88 0.60 -8.75 -10.27
C THR A 88 1.25 -9.37 -9.05
N LEU A 89 1.64 -8.51 -8.11
CA LEU A 89 1.97 -8.90 -6.75
C LEU A 89 0.93 -8.26 -5.84
N THR A 90 0.19 -9.07 -5.09
CA THR A 90 -0.89 -8.57 -4.24
C THR A 90 -0.50 -8.76 -2.79
N ILE A 91 -0.72 -7.71 -1.98
CA ILE A 91 -0.50 -7.77 -0.54
C ILE A 91 -1.85 -7.58 0.13
N VAL A 92 -2.31 -8.59 0.87
CA VAL A 92 -3.61 -8.57 1.52
C VAL A 92 -3.42 -8.58 3.03
N ASP A 93 -4.12 -7.68 3.72
CA ASP A 93 -4.14 -7.72 5.18
C ASP A 93 -5.58 -7.63 5.66
N THR A 94 -5.78 -8.01 6.91
CA THR A 94 -7.09 -7.92 7.56
C THR A 94 -7.08 -6.82 8.63
N GLY A 95 -6.38 -5.72 8.33
CA GLY A 95 -6.33 -4.58 9.23
C GLY A 95 -7.61 -3.76 9.21
N ILE A 96 -7.51 -2.55 9.74
CA ILE A 96 -8.70 -1.73 9.98
C ILE A 96 -9.31 -1.21 8.67
N GLY A 97 -8.56 -1.22 7.57
CA GLY A 97 -9.09 -0.74 6.30
C GLY A 97 -9.19 0.78 6.27
N MET A 98 -9.67 1.29 5.14
CA MET A 98 -9.75 2.73 4.93
C MET A 98 -11.15 3.13 4.53
N THR A 99 -11.61 4.27 5.05
CA THR A 99 -12.88 4.84 4.65
C THR A 99 -12.75 5.60 3.34
N LYS A 100 -13.89 5.92 2.73
CA LYS A 100 -13.84 6.78 1.56
C LYS A 100 -13.18 8.11 1.89
N ALA A 101 -13.49 8.66 3.07
CA ALA A 101 -12.89 9.93 3.48
C ALA A 101 -11.37 9.83 3.54
N ASP A 102 -10.85 8.74 4.10
CA ASP A 102 -9.40 8.48 4.05
C ASP A 102 -8.91 8.60 2.61
N LEU A 103 -9.55 7.88 1.69
CA LEU A 103 -9.04 7.75 0.32
C LEU A 103 -9.05 9.08 -0.42
N ILE A 104 -10.16 9.82 -0.35
CA ILE A 104 -10.32 10.96 -1.26
C ILE A 104 -9.88 12.31 -0.67
N ASN A 105 -9.72 12.40 0.64
CA ASN A 105 -9.47 13.70 1.26
C ASN A 105 -8.42 13.63 2.35
N ASN A 106 -8.66 12.80 3.38
CA ASN A 106 -7.94 12.97 4.63
C ASN A 106 -6.51 12.45 4.55
N LEU A 107 -6.25 11.36 3.82
CA LEU A 107 -4.88 10.87 3.76
C LEU A 107 -3.99 11.78 2.92
N GLY A 108 -4.57 12.46 1.93
CA GLY A 108 -3.81 13.43 1.17
C GLY A 108 -3.38 14.62 2.02
N THR A 109 -4.22 15.02 2.97
CA THR A 109 -3.87 16.13 3.85
C THR A 109 -2.64 15.79 4.70
N ILE A 110 -2.61 14.58 5.27
CA ILE A 110 -1.43 14.19 6.03
C ILE A 110 -0.24 14.00 5.10
N ALA A 111 -0.46 13.50 3.89
CA ALA A 111 0.66 13.27 2.97
C ALA A 111 1.34 14.56 2.53
N LYS A 112 0.64 15.70 2.61
CA LYS A 112 1.24 16.96 2.15
C LYS A 112 2.45 17.34 3.00
N SER A 113 2.28 17.34 4.32
CA SER A 113 3.38 17.72 5.20
C SER A 113 4.52 16.71 5.10
N GLY A 114 4.18 15.42 5.11
CA GLY A 114 5.21 14.39 4.98
C GLY A 114 5.97 14.50 3.68
N THR A 115 5.26 14.78 2.58
CA THR A 115 5.92 14.88 1.29
C THR A 115 6.92 16.03 1.28
N LYS A 116 6.51 17.20 1.75
CA LYS A 116 7.40 18.36 1.78
C LYS A 116 8.65 18.07 2.60
N ALA A 117 8.46 17.46 3.78
CA ALA A 117 9.61 17.08 4.61
C ALA A 117 10.51 16.10 3.88
N PHE A 118 9.91 15.10 3.21
CA PHE A 118 10.71 14.10 2.49
C PHE A 118 11.45 14.76 1.34
N MET A 119 10.78 15.65 0.60
CA MET A 119 11.42 16.41 -0.46
C MET A 119 12.64 17.15 0.05
N GLU A 120 12.47 17.88 1.14
CA GLU A 120 13.58 18.65 1.69
C GLU A 120 14.69 17.75 2.21
N ALA A 121 14.34 16.58 2.75
CA ALA A 121 15.37 15.65 3.20
C ALA A 121 16.19 15.14 2.02
N LEU A 122 15.52 14.82 0.91
CA LEU A 122 16.23 14.35 -0.28
C LEU A 122 17.24 15.37 -0.80
N GLN A 123 16.95 16.66 -0.66
CA GLN A 123 17.92 17.63 -1.12
C GLN A 123 19.05 17.82 -0.10
N ALA A 124 18.78 17.55 1.17
CA ALA A 124 19.82 17.55 2.20
C ALA A 124 20.70 16.30 2.14
N GLY A 125 20.42 15.37 1.23
CA GLY A 125 21.23 14.18 1.09
C GLY A 125 20.55 12.88 1.49
N ALA A 126 19.27 12.91 1.85
CA ALA A 126 18.61 11.69 2.26
C ALA A 126 18.38 10.77 1.06
N ASP A 127 18.14 9.51 1.36
CA ASP A 127 17.95 8.46 0.39
C ASP A 127 16.46 8.14 0.28
N ILE A 128 16.02 7.74 -0.92
CA ILE A 128 14.61 7.40 -1.14
C ILE A 128 14.15 6.31 -0.19
N SER A 129 15.06 5.45 0.27
CA SER A 129 14.66 4.38 1.17
C SER A 129 14.14 4.89 2.52
N MET A 130 14.36 6.16 2.85
CA MET A 130 13.85 6.72 4.09
C MET A 130 12.40 7.20 3.98
N ILE A 131 11.74 6.93 2.85
CA ILE A 131 10.43 7.50 2.55
C ILE A 131 9.42 7.20 3.65
N GLY A 132 9.52 6.04 4.30
CA GLY A 132 8.57 5.65 5.34
C GLY A 132 8.65 6.50 6.59
N GLN A 133 9.79 7.12 6.87
CA GLN A 133 9.87 8.01 8.02
C GLN A 133 9.04 9.27 7.85
N PHE A 134 8.55 9.53 6.64
CA PHE A 134 7.74 10.71 6.36
C PHE A 134 6.28 10.36 6.10
N GLY A 135 5.89 9.11 6.36
CA GLY A 135 4.50 8.69 6.29
C GLY A 135 3.93 8.54 4.91
N VAL A 136 4.77 8.50 3.88
CA VAL A 136 4.29 8.44 2.50
C VAL A 136 4.91 7.25 1.78
N GLY A 137 5.21 6.20 2.54
CA GLY A 137 5.85 5.02 1.97
C GLY A 137 5.01 4.29 0.93
N PHE A 138 3.68 4.43 1.00
CA PHE A 138 2.81 3.82 0.00
C PHE A 138 3.27 4.15 -1.42
N TYR A 139 3.67 5.39 -1.66
CA TYR A 139 3.96 5.79 -3.03
C TYR A 139 5.23 5.14 -3.57
N SER A 140 6.06 4.53 -2.71
CA SER A 140 7.16 3.71 -3.22
C SER A 140 6.67 2.54 -4.05
N ALA A 141 5.36 2.23 -4.03
CA ALA A 141 4.84 1.21 -4.92
C ALA A 141 5.15 1.54 -6.38
N TYR A 142 5.24 2.83 -6.71
CA TYR A 142 5.46 3.23 -8.09
C TYR A 142 6.91 3.05 -8.53
N LEU A 143 7.79 2.59 -7.63
CA LEU A 143 9.11 2.13 -8.06
C LEU A 143 9.02 0.89 -8.95
N VAL A 144 7.99 0.06 -8.74
CA VAL A 144 7.88 -1.21 -9.46
C VAL A 144 6.56 -1.38 -10.20
N ALA A 145 5.52 -0.61 -9.89
CA ALA A 145 4.20 -0.84 -10.49
C ALA A 145 3.87 0.26 -11.49
N GLU A 146 3.36 -0.13 -12.66
CA GLU A 146 2.83 0.86 -13.60
C GLU A 146 1.42 1.31 -13.21
N LYS A 147 0.72 0.50 -12.43
CA LYS A 147 -0.64 0.81 -11.96
C LYS A 147 -0.80 0.13 -10.62
N VAL A 148 -1.47 0.81 -9.69
CA VAL A 148 -1.72 0.25 -8.37
C VAL A 148 -3.22 0.29 -8.13
N THR A 149 -3.79 -0.85 -7.76
CA THR A 149 -5.20 -0.97 -7.45
C THR A 149 -5.31 -1.36 -5.97
N VAL A 150 -6.08 -0.59 -5.19
CA VAL A 150 -6.21 -0.84 -3.76
C VAL A 150 -7.67 -1.10 -3.45
N ILE A 151 -7.98 -2.30 -2.99
CA ILE A 151 -9.33 -2.65 -2.52
C ILE A 151 -9.30 -2.57 -1.01
N THR A 152 -10.28 -1.88 -0.42
CA THR A 152 -10.21 -1.66 1.02
C THR A 152 -11.62 -1.65 1.60
N LYS A 153 -11.75 -2.17 2.82
CA LYS A 153 -13.03 -2.26 3.51
C LYS A 153 -12.82 -1.93 4.99
N HIS A 154 -13.42 -0.83 5.43
CA HIS A 154 -13.43 -0.42 6.83
C HIS A 154 -14.82 -0.73 7.39
N ASN A 155 -14.89 -1.11 8.68
CA ASN A 155 -16.19 -1.34 9.30
C ASN A 155 -17.08 -0.11 9.13
N ASP A 156 -18.36 -0.34 8.93
CA ASP A 156 -19.34 0.73 8.80
C ASP A 156 -19.12 1.61 7.58
N ASP A 157 -18.34 1.16 6.59
CA ASP A 157 -18.26 1.83 5.31
C ASP A 157 -18.29 0.79 4.19
N GLU A 158 -18.44 1.26 2.96
CA GLU A 158 -18.50 0.37 1.80
C GLU A 158 -17.12 -0.21 1.48
N GLN A 159 -17.10 -1.21 0.61
CA GLN A 159 -15.84 -1.65 0.02
C GLN A 159 -15.54 -0.77 -1.18
N TYR A 160 -14.32 -0.22 -1.22
CA TYR A 160 -13.93 0.71 -2.27
C TYR A 160 -12.75 0.17 -3.05
N ALA A 161 -12.70 0.50 -4.33
CA ALA A 161 -11.52 0.28 -5.17
C ALA A 161 -10.93 1.63 -5.53
N TRP A 162 -9.70 1.87 -5.08
CA TRP A 162 -8.86 3.00 -5.42
C TRP A 162 -7.90 2.55 -6.52
N GLU A 163 -7.61 3.43 -7.48
CA GLU A 163 -6.71 3.03 -8.54
C GLU A 163 -5.98 4.22 -9.14
N SER A 164 -4.70 4.03 -9.44
CA SER A 164 -3.96 5.10 -10.11
C SER A 164 -2.79 4.55 -10.90
N SER A 165 -2.62 5.09 -12.11
CA SER A 165 -1.40 4.89 -12.91
C SER A 165 -0.56 6.16 -12.91
N ALA A 166 -0.65 6.92 -11.82
CA ALA A 166 0.06 8.21 -11.69
C ALA A 166 -0.49 9.17 -12.75
N GLY A 167 0.36 10.08 -13.24
CA GLY A 167 -0.15 11.07 -14.16
C GLY A 167 -1.05 12.11 -13.54
N GLY A 168 -1.13 12.16 -12.22
CA GLY A 168 -1.81 13.22 -11.51
C GLY A 168 -3.23 12.92 -11.07
N SER A 169 -3.76 11.74 -11.36
CA SER A 169 -5.15 11.45 -11.02
C SER A 169 -5.26 10.04 -10.47
N PHE A 170 -6.32 9.82 -9.71
CA PHE A 170 -6.68 8.50 -9.21
C PHE A 170 -8.21 8.39 -9.25
N THR A 171 -8.71 7.16 -9.23
CA THR A 171 -10.15 6.94 -9.23
C THR A 171 -10.56 6.23 -7.95
N VAL A 172 -11.82 6.45 -7.56
CA VAL A 172 -12.42 5.70 -6.47
C VAL A 172 -13.78 5.23 -6.93
N ARG A 173 -14.11 3.96 -6.68
CA ARG A 173 -15.44 3.45 -6.97
C ARG A 173 -15.84 2.51 -5.83
N THR A 174 -17.16 2.33 -5.68
CA THR A 174 -17.64 1.27 -4.81
C THR A 174 -17.39 -0.07 -5.51
N ASP A 175 -16.76 -1.01 -4.80
CA ASP A 175 -16.30 -2.25 -5.40
C ASP A 175 -17.33 -3.36 -5.24
N THR A 176 -17.70 -3.99 -6.36
CA THR A 176 -18.63 -5.12 -6.35
C THR A 176 -17.92 -6.47 -6.54
N GLY A 177 -16.59 -6.51 -6.37
CA GLY A 177 -15.85 -7.75 -6.45
C GLY A 177 -16.02 -8.60 -5.20
N GLU A 178 -15.13 -9.58 -5.06
CA GLU A 178 -15.16 -10.50 -3.93
C GLU A 178 -15.12 -9.71 -2.61
N PRO A 179 -16.13 -9.86 -1.74
CA PRO A 179 -16.12 -9.14 -0.46
C PRO A 179 -14.91 -9.54 0.39
N MET A 180 -14.31 -8.54 1.02
CA MET A 180 -13.11 -8.76 1.83
C MET A 180 -13.39 -8.91 3.32
N GLY A 181 -14.59 -8.59 3.78
CA GLY A 181 -14.84 -8.62 5.21
C GLY A 181 -14.32 -7.37 5.88
N ARG A 182 -13.00 -7.21 5.89
CA ARG A 182 -12.33 -6.04 6.44
C ARG A 182 -10.85 -6.12 6.09
N GLY A 183 -10.27 -4.99 5.72
CA GLY A 183 -8.84 -4.97 5.48
C GLY A 183 -8.52 -4.26 4.19
N THR A 184 -7.30 -4.47 3.71
CA THR A 184 -6.83 -3.76 2.53
C THR A 184 -6.05 -4.73 1.66
N LYS A 185 -6.25 -4.60 0.35
CA LYS A 185 -5.59 -5.43 -0.64
C LYS A 185 -4.92 -4.48 -1.64
N VAL A 186 -3.59 -4.52 -1.71
CA VAL A 186 -2.82 -3.68 -2.62
C VAL A 186 -2.37 -4.55 -3.80
N ILE A 187 -2.85 -4.23 -5.00
CA ILE A 187 -2.58 -5.02 -6.19
C ILE A 187 -1.59 -4.24 -7.02
N LEU A 188 -0.35 -4.73 -7.12
CA LEU A 188 0.71 -4.04 -7.86
C LEU A 188 0.77 -4.61 -9.27
N HIS A 189 0.41 -3.80 -10.28
CA HIS A 189 0.55 -4.21 -11.67
C HIS A 189 1.97 -3.87 -12.08
N LEU A 190 2.85 -4.87 -12.14
CA LEU A 190 4.26 -4.58 -12.24
C LEU A 190 4.65 -4.10 -13.63
N LYS A 191 5.65 -3.21 -13.66
CA LYS A 191 6.32 -2.85 -14.90
C LYS A 191 6.98 -4.09 -15.52
N GLU A 192 7.12 -4.08 -16.85
CA GLU A 192 7.55 -5.30 -17.52
C GLU A 192 8.96 -5.72 -17.15
N ASP A 193 9.81 -4.79 -16.73
CA ASP A 193 11.18 -5.14 -16.31
C ASP A 193 11.28 -5.37 -14.81
N GLN A 194 10.17 -5.52 -14.10
CA GLN A 194 10.17 -5.69 -12.65
C GLN A 194 9.52 -6.99 -12.21
N THR A 195 9.51 -8.00 -13.08
CA THR A 195 8.84 -9.25 -12.77
C THR A 195 9.63 -10.13 -11.79
N GLU A 196 10.82 -9.72 -11.36
CA GLU A 196 11.53 -10.47 -10.34
C GLU A 196 10.74 -10.54 -9.03
N TYR A 197 9.88 -9.54 -8.78
CA TYR A 197 9.08 -9.51 -7.55
C TYR A 197 7.89 -10.46 -7.61
N LEU A 198 7.82 -11.29 -8.64
CA LEU A 198 6.89 -12.41 -8.70
C LEU A 198 7.54 -13.74 -8.34
N GLU A 199 8.86 -13.76 -8.17
CA GLU A 199 9.59 -15.00 -7.93
C GLU A 199 9.63 -15.31 -6.44
N GLU A 200 9.35 -16.57 -6.09
CA GLU A 200 9.31 -16.98 -4.69
C GLU A 200 10.61 -16.62 -3.98
N ARG A 201 11.76 -17.00 -4.57
CA ARG A 201 13.04 -16.77 -3.91
C ARG A 201 13.28 -15.29 -3.65
N ARG A 202 12.87 -14.44 -4.59
CA ARG A 202 13.11 -13.00 -4.46
C ARG A 202 12.24 -12.39 -3.37
N ILE A 203 10.96 -12.75 -3.33
CA ILE A 203 10.09 -12.19 -2.30
C ILE A 203 10.55 -12.64 -0.93
N LYS A 204 10.87 -13.93 -0.79
CA LYS A 204 11.36 -14.45 0.47
C LYS A 204 12.61 -13.70 0.94
N GLU A 205 13.56 -13.49 0.02
CA GLU A 205 14.77 -12.73 0.33
C GLU A 205 14.43 -11.34 0.90
N ILE A 206 13.48 -10.66 0.25
CA ILE A 206 13.16 -9.28 0.63
C ILE A 206 12.47 -9.24 1.99
N VAL A 207 11.54 -10.16 2.22
CA VAL A 207 10.83 -10.17 3.50
C VAL A 207 11.80 -10.44 4.65
N LYS A 208 12.68 -11.43 4.49
CA LYS A 208 13.64 -11.75 5.54
C LYS A 208 14.59 -10.58 5.82
N LYS A 209 15.00 -9.87 4.77
CA LYS A 209 15.96 -8.78 4.91
C LYS A 209 15.34 -7.57 5.58
N HIS A 210 14.10 -7.22 5.21
CA HIS A 210 13.51 -5.95 5.61
C HIS A 210 12.28 -6.04 6.51
N SER A 211 11.65 -7.21 6.63
CA SER A 211 10.38 -7.33 7.35
C SER A 211 10.42 -8.49 8.33
N GLN A 212 11.59 -8.74 8.91
CA GLN A 212 11.84 -9.97 9.68
C GLN A 212 11.04 -10.01 10.97
N PHE A 213 10.75 -8.86 11.58
CA PHE A 213 10.17 -8.82 12.93
C PHE A 213 8.73 -8.34 12.95
N ILE A 214 8.04 -8.35 11.80
CA ILE A 214 6.63 -8.00 11.77
C ILE A 214 5.85 -8.94 12.68
N GLY A 215 4.93 -8.38 13.47
CA GLY A 215 4.24 -9.12 14.51
C GLY A 215 2.94 -9.78 14.10
N TYR A 216 2.81 -10.14 12.83
CA TYR A 216 1.66 -10.85 12.31
C TYR A 216 2.15 -11.91 11.34
N PRO A 217 1.44 -13.02 11.22
CA PRO A 217 1.87 -14.05 10.26
C PRO A 217 1.85 -13.49 8.85
N ILE A 218 2.98 -13.62 8.15
CA ILE A 218 3.10 -13.27 6.74
C ILE A 218 3.20 -14.56 5.94
N THR A 219 2.24 -14.78 5.04
CA THR A 219 2.24 -16.00 4.24
C THR A 219 2.57 -15.63 2.80
N LEU A 220 3.66 -16.21 2.29
CA LEU A 220 4.05 -16.04 0.90
C LEU A 220 3.41 -17.16 0.09
N PHE A 221 2.37 -16.83 -0.67
CA PHE A 221 1.74 -17.80 -1.56
C PHE A 221 2.68 -18.14 -2.71
N VAL A 222 2.55 -19.36 -3.22
CA VAL A 222 3.25 -19.75 -4.42
C VAL A 222 2.23 -20.09 -5.50
N GLU A 223 2.69 -20.40 -6.71
CA GLU A 223 1.78 -20.69 -7.81
C GLU A 223 1.86 -22.14 -8.30
C01 ONJ B . -3.51 0.07 4.36
C02 ONJ B . -2.94 -1.17 4.55
C03 ONJ B . -1.86 -1.60 3.78
C04 ONJ B . -1.37 -0.70 2.82
C05 ONJ B . -1.94 0.53 2.64
C06 ONJ B . -3.00 0.97 3.40
C07 ONJ B . -4.68 0.50 5.25
N01 ONJ B . -4.35 1.36 6.36
O01 ONJ B . -5.81 0.15 5.09
C08 ONJ B . -5.13 1.88 7.30
C09 ONJ B . -4.44 2.37 8.59
C10 ONJ B . -2.94 2.31 8.12
C11 ONJ B . -3.13 1.80 6.68
C12 ONJ B . -4.62 2.85 9.95
C13 ONJ B . -3.70 3.19 10.73
C14 ONJ B . -2.43 3.18 10.45
C15 ONJ B . -1.84 2.79 9.24
S01 ONJ B . -1.18 1.56 1.34
C16 ONJ B . -2.15 3.05 1.08
O02 ONJ B . -0.30 -1.04 2.00
C17 ONJ B . -2.98 3.08 -0.04
C18 ONJ B . -3.72 4.23 -0.27
C19 ONJ B . -3.62 5.31 0.60
C20 ONJ B . -2.79 5.26 1.72
C21 ONJ B . -2.04 4.11 1.96
C22 ONJ B . -4.46 6.56 0.31
C23 ONJ B . -4.65 4.34 -1.48
#